data_6L5Q
#
_entry.id   6L5Q
#
_cell.length_a   85.827
_cell.length_b   139.278
_cell.length_c   73.822
_cell.angle_alpha   90.000
_cell.angle_beta   90.000
_cell.angle_gamma   90.000
#
_symmetry.space_group_name_H-M   'C 2 2 21'
#
loop_
_entity.id
_entity.type
_entity.pdbx_description
1 polymer GgCGT
2 non-polymer "GALACTOSE-URIDINE-5'-DIPHOSPHATE"
#
_entity_poly.entity_id   1
_entity_poly.type   'polypeptide(L)'
_entity_poly.pdbx_seq_one_letter_code
;GSMGENNMSSIAPHPVVHVALLPSAGMGHLTPFLRLASLLLHQHCHVTLITPQPTVSKAEEDLLSRFLSAFPQVNQLHFH
LPPSDSTISTDPFFLQFASIRSSSHLLTPLLSSLTPPLSSFIYDMTLISPLLPIAESLGVPHYILFTSSATMFSFFSYFP
TLAKSESFPGKLDFVEIPGVSVSSIPRSSIPPPLLVPNSLFGKLFMEDSPKLKKLHGVLVNTFEGIEKLSLEALNGGKVV
KGLPPVYGVGPFVPCEFEKVVKRGETISEWLDEQPSGSVVYVSFGSRTAMGREQLREVGDGLVKSGWRFLWVVKDKIVDR
AEEEGLDGVLGFELVERMVKEKKGLVVKEWVDQSEILGHKAVGGFVSHCGWNSVVEAAWFGVKILGWPLHGDQKINAEVV
AKGGWGVWKEGWDWEGERLVKGEEIGEAIREVMNDESLVMKATQVKKDARKAISVGGGCEVALQKLMEVWKKNV
;
_entity_poly.pdbx_strand_id   A
#
# COMPACT_ATOMS: atom_id res chain seq x y z
N HIS A 18 -23.73 10.73 4.43
CA HIS A 18 -23.81 9.56 3.58
C HIS A 18 -22.66 9.53 2.56
N VAL A 19 -21.76 8.56 2.72
CA VAL A 19 -20.58 8.42 1.87
C VAL A 19 -20.71 7.13 1.08
N ALA A 20 -20.23 7.15 -0.17
CA ALA A 20 -20.22 5.98 -1.05
C ALA A 20 -18.79 5.59 -1.35
N LEU A 21 -18.48 4.31 -1.14
CA LEU A 21 -17.14 3.79 -1.34
C LEU A 21 -17.14 2.70 -2.41
N LEU A 22 -16.05 2.66 -3.19
CA LEU A 22 -15.91 1.68 -4.26
C LEU A 22 -14.41 1.39 -4.44
N PRO A 23 -13.93 0.29 -3.88
CA PRO A 23 -12.53 -0.10 -4.05
C PRO A 23 -12.33 -0.92 -5.32
N SER A 24 -11.06 -1.07 -5.69
CA SER A 24 -10.68 -1.87 -6.85
C SER A 24 -10.48 -3.33 -6.39
N ALA A 25 -9.81 -4.13 -7.20
CA ALA A 25 -9.57 -5.53 -6.85
C ALA A 25 -8.26 -5.69 -6.10
N GLY A 26 -8.15 -6.78 -5.36
CA GLY A 26 -6.94 -7.09 -4.61
C GLY A 26 -7.04 -6.68 -3.16
N MET A 27 -6.34 -7.43 -2.30
CA MET A 27 -6.31 -7.09 -0.88
C MET A 27 -5.55 -5.80 -0.61
N GLY A 28 -4.64 -5.41 -1.50
CA GLY A 28 -3.94 -4.15 -1.34
C GLY A 28 -4.83 -2.93 -1.49
N HIS A 29 -5.94 -3.07 -2.20
CA HIS A 29 -6.91 -1.99 -2.38
C HIS A 29 -8.08 -2.07 -1.42
N LEU A 30 -8.49 -3.27 -1.02
CA LEU A 30 -9.65 -3.41 -0.16
C LEU A 30 -9.33 -3.11 1.30
N THR A 31 -8.16 -3.55 1.78
CA THR A 31 -7.80 -3.32 3.17
C THR A 31 -7.74 -1.85 3.54
N PRO A 32 -7.10 -0.95 2.78
CA PRO A 32 -7.15 0.47 3.15
C PRO A 32 -8.53 1.08 3.00
N PHE A 33 -9.33 0.61 2.04
CA PHE A 33 -10.66 1.17 1.85
C PHE A 33 -11.57 0.88 3.04
N LEU A 34 -11.58 -0.37 3.51
CA LEU A 34 -12.42 -0.71 4.66
C LEU A 34 -11.91 -0.05 5.93
N ARG A 35 -10.59 0.13 6.06
CA ARG A 35 -10.05 0.89 7.18
C ARG A 35 -10.49 2.35 7.14
N LEU A 36 -10.70 2.89 5.94
CA LEU A 36 -11.25 4.24 5.83
C LEU A 36 -12.73 4.26 6.22
N ALA A 37 -13.47 3.22 5.84
CA ALA A 37 -14.88 3.13 6.23
C ALA A 37 -15.01 3.06 7.74
N SER A 38 -14.15 2.29 8.41
CA SER A 38 -14.17 2.24 9.86
C SER A 38 -13.88 3.60 10.48
N LEU A 39 -13.04 4.41 9.84
CA LEU A 39 -12.80 5.77 10.32
C LEU A 39 -14.01 6.65 10.09
N LEU A 40 -14.65 6.53 8.93
CA LEU A 40 -15.85 7.32 8.65
C LEU A 40 -17.00 6.90 9.56
N LEU A 41 -17.10 5.61 9.87
CA LEU A 41 -18.17 5.14 10.75
C LEU A 41 -17.95 5.61 12.18
N HIS A 42 -16.69 5.67 12.63
CA HIS A 42 -16.42 6.18 13.96
C HIS A 42 -16.72 7.67 14.05
N GLN A 43 -16.60 8.39 12.94
CA GLN A 43 -17.07 9.77 12.86
C GLN A 43 -18.57 9.85 12.58
N HIS A 44 -19.30 8.74 12.77
CA HIS A 44 -20.74 8.68 12.62
C HIS A 44 -21.19 9.05 11.22
N CYS A 45 -20.98 8.14 10.26
CA CYS A 45 -21.45 8.30 8.89
C CYS A 45 -22.30 7.10 8.50
N HIS A 46 -23.07 7.27 7.43
CA HIS A 46 -23.77 6.16 6.79
C HIS A 46 -23.00 5.82 5.52
N VAL A 47 -22.26 4.71 5.55
CA VAL A 47 -21.39 4.31 4.46
C VAL A 47 -22.14 3.33 3.56
N THR A 48 -22.13 3.59 2.25
CA THR A 48 -22.67 2.68 1.25
C THR A 48 -21.51 2.12 0.45
N LEU A 49 -21.17 0.86 0.70
CA LEU A 49 -20.03 0.21 0.06
C LEU A 49 -20.49 -0.45 -1.24
N ILE A 50 -19.82 -0.10 -2.34
CA ILE A 50 -20.09 -0.72 -3.63
C ILE A 50 -19.16 -1.93 -3.77
N THR A 51 -19.74 -3.09 -4.09
CA THR A 51 -18.99 -4.34 -4.17
C THR A 51 -19.11 -4.92 -5.57
N PRO A 52 -18.08 -4.79 -6.41
CA PRO A 52 -18.12 -5.43 -7.73
C PRO A 52 -18.03 -6.94 -7.62
N GLN A 53 -19.16 -7.62 -7.76
CA GLN A 53 -19.19 -9.06 -7.67
C GLN A 53 -19.35 -9.69 -9.05
N PRO A 54 -18.79 -10.89 -9.27
CA PRO A 54 -18.05 -11.71 -8.29
C PRO A 54 -16.67 -11.15 -7.94
N THR A 55 -16.35 -11.14 -6.65
CA THR A 55 -15.04 -10.66 -6.21
C THR A 55 -13.95 -11.65 -6.62
N VAL A 56 -12.73 -11.14 -6.73
CA VAL A 56 -11.61 -11.90 -7.29
C VAL A 56 -11.17 -12.98 -6.31
N SER A 57 -10.44 -12.60 -5.27
CA SER A 57 -9.82 -13.57 -4.38
C SER A 57 -10.75 -13.92 -3.22
N LYS A 58 -10.49 -15.08 -2.62
CA LYS A 58 -11.26 -15.50 -1.46
C LYS A 58 -10.96 -14.61 -0.26
N ALA A 59 -9.70 -14.20 -0.10
CA ALA A 59 -9.34 -13.33 1.03
C ALA A 59 -10.11 -12.02 0.99
N GLU A 60 -10.56 -11.60 -0.20
CA GLU A 60 -11.37 -10.40 -0.31
C GLU A 60 -12.78 -10.63 0.23
N GLU A 61 -13.49 -11.62 -0.33
CA GLU A 61 -14.84 -11.88 0.12
C GLU A 61 -14.90 -12.40 1.54
N ASP A 62 -13.81 -12.97 2.05
CA ASP A 62 -13.76 -13.31 3.47
C ASP A 62 -13.59 -12.06 4.32
N LEU A 63 -12.77 -11.11 3.87
CA LEU A 63 -12.65 -9.85 4.58
C LEU A 63 -13.95 -9.06 4.53
N LEU A 64 -14.72 -9.20 3.47
CA LEU A 64 -15.98 -8.48 3.32
C LEU A 64 -17.00 -8.91 4.36
N SER A 65 -17.42 -10.17 4.32
CA SER A 65 -18.45 -10.63 5.23
C SER A 65 -18.01 -10.50 6.68
N ARG A 66 -16.70 -10.59 6.95
CA ARG A 66 -16.21 -10.33 8.29
C ARG A 66 -16.28 -8.85 8.63
N PHE A 67 -16.18 -7.98 7.62
CA PHE A 67 -16.39 -6.55 7.83
C PHE A 67 -17.87 -6.20 7.88
N LEU A 68 -18.67 -6.85 7.03
CA LEU A 68 -20.11 -6.62 7.05
C LEU A 68 -20.73 -7.08 8.37
N SER A 69 -20.19 -8.14 8.97
CA SER A 69 -20.74 -8.63 10.24
C SER A 69 -20.44 -7.66 11.37
N ALA A 70 -19.23 -7.08 11.38
CA ALA A 70 -18.86 -6.14 12.42
C ALA A 70 -19.56 -4.80 12.27
N PHE A 71 -20.03 -4.47 11.07
CA PHE A 71 -20.74 -3.22 10.81
C PHE A 71 -22.00 -3.52 9.99
N PRO A 72 -23.08 -3.97 10.64
CA PRO A 72 -24.32 -4.22 9.91
C PRO A 72 -25.04 -2.95 9.49
N GLN A 73 -24.57 -1.78 9.92
CA GLN A 73 -25.23 -0.53 9.56
C GLN A 73 -24.91 -0.13 8.12
N VAL A 74 -23.77 -0.56 7.58
CA VAL A 74 -23.40 -0.16 6.24
C VAL A 74 -24.31 -0.82 5.22
N ASN A 75 -24.44 -0.18 4.06
CA ASN A 75 -25.31 -0.63 2.99
C ASN A 75 -24.44 -1.11 1.83
N GLN A 76 -24.36 -2.43 1.66
CA GLN A 76 -23.59 -3.01 0.58
C GLN A 76 -24.40 -2.96 -0.72
N LEU A 77 -23.74 -2.53 -1.79
CA LEU A 77 -24.37 -2.39 -3.10
C LEU A 77 -23.63 -3.29 -4.09
N HIS A 78 -24.33 -4.28 -4.62
CA HIS A 78 -23.73 -5.26 -5.52
C HIS A 78 -23.57 -4.64 -6.91
N PHE A 79 -22.33 -4.64 -7.41
CA PHE A 79 -22.04 -4.18 -8.77
C PHE A 79 -21.84 -5.42 -9.63
N HIS A 80 -22.92 -5.85 -10.29
CA HIS A 80 -22.89 -7.05 -11.11
C HIS A 80 -22.33 -6.73 -12.48
N LEU A 81 -21.29 -7.47 -12.88
CA LEU A 81 -20.57 -7.28 -14.13
C LEU A 81 -20.84 -8.42 -15.09
N PRO A 82 -21.04 -8.14 -16.37
CA PRO A 82 -21.22 -9.22 -17.34
C PRO A 82 -19.92 -9.98 -17.53
N PRO A 83 -19.98 -11.25 -17.97
CA PRO A 83 -18.78 -12.05 -18.18
C PRO A 83 -17.94 -11.57 -19.37
N PRO A 92 -7.21 -12.37 -13.47
CA PRO A 92 -8.46 -12.12 -12.73
C PRO A 92 -8.50 -10.72 -12.13
N PHE A 93 -7.41 -10.30 -11.48
CA PHE A 93 -7.33 -8.96 -10.94
C PHE A 93 -7.33 -7.93 -12.06
N PHE A 94 -6.49 -8.13 -13.07
CA PHE A 94 -6.49 -7.26 -14.23
C PHE A 94 -7.68 -7.52 -15.15
N LEU A 95 -8.40 -8.63 -14.94
CA LEU A 95 -9.57 -8.92 -15.77
C LEU A 95 -10.81 -8.21 -15.25
N GLN A 96 -11.03 -8.26 -13.93
CA GLN A 96 -12.09 -7.44 -13.33
C GLN A 96 -11.84 -5.96 -13.56
N PHE A 97 -10.57 -5.57 -13.69
CA PHE A 97 -10.23 -4.20 -14.08
C PHE A 97 -10.94 -3.80 -15.36
N ALA A 98 -10.97 -4.70 -16.34
CA ALA A 98 -11.53 -4.35 -17.65
C ALA A 98 -13.06 -4.37 -17.66
N SER A 99 -13.68 -5.25 -16.87
CA SER A 99 -15.14 -5.34 -16.89
C SER A 99 -15.79 -4.17 -16.16
N ILE A 100 -15.14 -3.66 -15.11
CA ILE A 100 -15.71 -2.52 -14.36
C ILE A 100 -15.70 -1.26 -15.22
N ARG A 101 -14.54 -0.92 -15.79
CA ARG A 101 -14.44 0.30 -16.56
C ARG A 101 -15.27 0.27 -17.84
N SER A 102 -15.61 -0.91 -18.33
CA SER A 102 -16.50 -1.02 -19.48
C SER A 102 -17.97 -1.03 -19.09
N SER A 103 -18.27 -1.31 -17.81
CA SER A 103 -19.65 -1.37 -17.33
C SER A 103 -19.92 -0.36 -16.21
N SER A 104 -19.14 0.71 -16.15
CA SER A 104 -19.31 1.70 -15.08
C SER A 104 -20.63 2.46 -15.21
N HIS A 105 -21.26 2.43 -16.39
CA HIS A 105 -22.53 3.12 -16.56
C HIS A 105 -23.68 2.43 -15.86
N LEU A 106 -23.49 1.19 -15.40
CA LEU A 106 -24.52 0.48 -14.63
C LEU A 106 -24.65 1.00 -13.19
N LEU A 107 -23.71 1.82 -12.73
CA LEU A 107 -23.71 2.29 -11.35
C LEU A 107 -24.55 3.54 -11.15
N THR A 108 -24.66 4.40 -12.16
CA THR A 108 -25.38 5.64 -11.99
C THR A 108 -26.90 5.46 -11.86
N PRO A 109 -27.53 4.36 -12.35
CA PRO A 109 -28.93 4.11 -11.96
C PRO A 109 -29.03 3.55 -10.56
N LEU A 110 -27.99 2.82 -10.15
CA LEU A 110 -27.97 2.22 -8.81
C LEU A 110 -27.71 3.26 -7.73
N LEU A 111 -26.84 4.23 -8.01
CA LEU A 111 -26.48 5.25 -7.04
C LEU A 111 -27.42 6.44 -7.03
N SER A 112 -28.18 6.65 -8.11
CA SER A 112 -29.14 7.75 -8.13
C SER A 112 -30.38 7.43 -7.30
N SER A 113 -30.90 6.22 -7.43
CA SER A 113 -32.05 5.78 -6.64
C SER A 113 -31.61 5.20 -5.29
N LEU A 114 -30.71 5.91 -4.64
CA LEU A 114 -30.13 5.48 -3.37
C LEU A 114 -30.64 6.39 -2.25
N THR A 115 -31.22 5.79 -1.22
CA THR A 115 -31.75 6.51 -0.08
C THR A 115 -30.99 6.11 1.18
N PRO A 116 -30.54 7.07 2.01
CA PRO A 116 -30.66 8.52 1.87
C PRO A 116 -29.83 9.08 0.71
N PRO A 117 -30.11 10.32 0.30
CA PRO A 117 -29.34 10.91 -0.80
C PRO A 117 -27.85 10.96 -0.49
N LEU A 118 -27.03 10.69 -1.49
CA LEU A 118 -25.60 10.68 -1.31
C LEU A 118 -25.07 12.08 -1.00
N SER A 119 -23.99 12.13 -0.23
CA SER A 119 -23.29 13.38 0.05
C SER A 119 -21.85 13.38 -0.44
N SER A 120 -21.28 12.23 -0.76
CA SER A 120 -19.91 12.15 -1.25
C SER A 120 -19.74 10.84 -2.01
N PHE A 121 -18.55 10.67 -2.58
CA PHE A 121 -18.22 9.48 -3.35
C PHE A 121 -16.71 9.38 -3.43
N ILE A 122 -16.15 8.30 -2.89
CA ILE A 122 -14.71 8.07 -2.90
C ILE A 122 -14.44 6.71 -3.53
N TYR A 123 -13.61 6.69 -4.56
CA TYR A 123 -13.27 5.47 -5.29
C TYR A 123 -11.76 5.36 -5.42
N ASP A 124 -11.30 4.27 -6.03
CA ASP A 124 -9.88 4.02 -6.19
C ASP A 124 -9.33 4.86 -7.34
N MET A 125 -8.02 5.16 -7.26
CA MET A 125 -7.40 5.97 -8.29
C MET A 125 -7.33 5.22 -9.62
N THR A 126 -7.23 3.90 -9.59
CA THR A 126 -7.21 3.12 -10.82
C THR A 126 -8.52 3.23 -11.59
N LEU A 127 -9.60 3.66 -10.93
CA LEU A 127 -10.91 3.80 -11.55
C LEU A 127 -11.31 5.25 -11.74
N ILE A 128 -10.34 6.17 -11.79
CA ILE A 128 -10.67 7.59 -11.88
C ILE A 128 -11.30 7.91 -13.23
N SER A 129 -10.84 7.24 -14.29
CA SER A 129 -11.36 7.54 -15.63
C SER A 129 -12.77 7.00 -15.84
N PRO A 130 -13.08 5.73 -15.56
CA PRO A 130 -14.44 5.25 -15.85
C PRO A 130 -15.50 5.80 -14.92
N LEU A 131 -15.12 6.31 -13.74
CA LEU A 131 -16.10 6.77 -12.76
C LEU A 131 -16.26 8.28 -12.73
N LEU A 132 -15.34 9.04 -13.34
CA LEU A 132 -15.48 10.49 -13.36
C LEU A 132 -16.78 10.94 -14.02
N PRO A 133 -17.19 10.43 -15.18
CA PRO A 133 -18.49 10.83 -15.72
C PRO A 133 -19.65 10.42 -14.81
N ILE A 134 -19.57 9.24 -14.20
CA ILE A 134 -20.61 8.83 -13.27
C ILE A 134 -20.63 9.73 -12.04
N ALA A 135 -19.44 10.09 -11.54
CA ALA A 135 -19.37 10.93 -10.35
C ALA A 135 -19.87 12.34 -10.62
N GLU A 136 -19.50 12.92 -11.77
CA GLU A 136 -19.98 14.26 -12.10
C GLU A 136 -21.48 14.28 -12.31
N SER A 137 -22.05 13.19 -12.83
CA SER A 137 -23.49 13.13 -13.06
C SER A 137 -24.27 13.03 -11.76
N LEU A 138 -23.67 12.51 -10.69
CA LEU A 138 -24.34 12.44 -9.39
C LEU A 138 -24.41 13.79 -8.69
N GLY A 139 -23.54 14.73 -9.06
CA GLY A 139 -23.55 16.03 -8.43
C GLY A 139 -23.03 16.08 -7.02
N VAL A 140 -22.29 15.07 -6.59
CA VAL A 140 -21.76 15.02 -5.23
C VAL A 140 -20.25 15.27 -5.28
N PRO A 141 -19.66 15.80 -4.22
CA PRO A 141 -18.20 15.96 -4.19
C PRO A 141 -17.48 14.62 -4.26
N HIS A 142 -16.86 14.32 -5.40
CA HIS A 142 -16.19 13.06 -5.62
C HIS A 142 -14.70 13.18 -5.31
N TYR A 143 -14.13 12.09 -4.79
CA TYR A 143 -12.73 12.03 -4.42
C TYR A 143 -12.14 10.73 -4.94
N ILE A 144 -10.82 10.59 -4.76
CA ILE A 144 -10.15 9.32 -4.94
C ILE A 144 -9.39 8.99 -3.66
N LEU A 145 -9.16 7.71 -3.45
CA LEU A 145 -8.33 7.22 -2.35
C LEU A 145 -7.11 6.56 -2.98
N PHE A 146 -6.00 7.31 -3.04
CA PHE A 146 -4.76 6.74 -3.54
C PHE A 146 -4.18 5.81 -2.48
N THR A 147 -4.14 4.52 -2.79
CA THR A 147 -3.70 3.51 -1.85
C THR A 147 -2.19 3.44 -1.69
N SER A 148 -1.43 4.22 -2.46
CA SER A 148 0.01 4.24 -2.34
C SER A 148 0.46 5.50 -1.61
N SER A 149 1.76 5.76 -1.63
CA SER A 149 2.32 6.89 -0.90
C SER A 149 1.98 8.21 -1.57
N ALA A 150 2.11 9.29 -0.80
CA ALA A 150 1.94 10.62 -1.38
C ALA A 150 3.09 10.95 -2.33
N THR A 151 4.29 10.44 -2.06
CA THR A 151 5.42 10.68 -2.95
C THR A 151 5.18 10.03 -4.31
N MET A 152 4.62 8.81 -4.33
CA MET A 152 4.26 8.20 -5.60
C MET A 152 3.17 8.99 -6.30
N PHE A 153 2.22 9.53 -5.53
CA PHE A 153 1.20 10.39 -6.12
C PHE A 153 1.82 11.61 -6.78
N SER A 154 2.92 12.13 -6.20
CA SER A 154 3.64 13.23 -6.84
C SER A 154 4.24 12.78 -8.17
N PHE A 155 4.83 11.58 -8.21
CA PHE A 155 5.33 11.05 -9.47
C PHE A 155 4.19 10.81 -10.45
N PHE A 156 3.03 10.37 -9.95
CA PHE A 156 1.89 10.14 -10.82
C PHE A 156 1.35 11.46 -11.39
N SER A 157 1.36 12.52 -10.58
CA SER A 157 0.87 13.81 -11.06
C SER A 157 1.88 14.51 -11.95
N TYR A 158 3.17 14.34 -11.67
CA TYR A 158 4.22 14.96 -12.47
C TYR A 158 4.53 14.18 -13.75
N PHE A 159 3.98 12.99 -13.90
CA PHE A 159 4.28 12.20 -15.09
C PHE A 159 3.83 12.85 -16.40
N PRO A 160 2.63 13.42 -16.52
CA PRO A 160 2.28 14.12 -17.77
C PRO A 160 3.24 15.27 -18.09
N THR A 161 3.76 15.96 -17.08
CA THR A 161 4.76 16.99 -17.32
C THR A 161 6.08 16.39 -17.79
N LEU A 162 6.38 15.16 -17.36
CA LEU A 162 7.60 14.51 -17.79
C LEU A 162 7.55 14.15 -19.27
N ALA A 163 6.44 13.55 -19.70
CA ALA A 163 6.33 13.06 -21.07
C ALA A 163 6.24 14.19 -22.10
N LYS A 164 5.80 15.38 -21.70
CA LYS A 164 5.68 16.48 -22.65
C LYS A 164 7.03 17.11 -22.95
N SER A 165 7.91 17.21 -21.94
CA SER A 165 9.31 17.58 -22.17
C SER A 165 10.07 16.33 -22.58
N GLU A 166 9.78 15.86 -23.78
CA GLU A 166 10.16 14.51 -24.20
C GLU A 166 11.65 14.39 -24.50
N SER A 167 12.50 14.75 -23.54
CA SER A 167 13.84 14.19 -23.47
C SER A 167 13.82 12.90 -22.67
N PHE A 168 12.83 12.06 -22.97
CA PHE A 168 12.36 10.98 -22.13
C PHE A 168 11.84 9.86 -23.01
N PRO A 169 12.23 8.60 -22.75
CA PRO A 169 13.15 8.24 -21.67
C PRO A 169 14.61 8.25 -22.09
N GLY A 170 14.92 9.01 -23.14
CA GLY A 170 16.27 9.04 -23.68
C GLY A 170 17.30 9.59 -22.72
N LYS A 171 17.25 10.90 -22.47
CA LYS A 171 18.24 11.57 -21.64
C LYS A 171 17.82 11.69 -20.18
N LEU A 172 16.67 11.14 -19.80
CA LEU A 172 16.19 11.29 -18.43
C LEU A 172 17.06 10.47 -17.48
N ASP A 173 17.75 11.15 -16.58
CA ASP A 173 18.55 10.49 -15.55
C ASP A 173 17.91 10.53 -14.18
N PHE A 174 17.18 11.59 -13.85
CA PHE A 174 16.52 11.74 -12.56
C PHE A 174 15.15 12.36 -12.77
N VAL A 175 14.32 12.31 -11.73
CA VAL A 175 13.01 12.96 -11.73
C VAL A 175 12.96 13.81 -10.47
N GLU A 176 13.10 15.13 -10.63
CA GLU A 176 13.15 16.05 -9.51
C GLU A 176 11.81 16.76 -9.40
N ILE A 177 10.97 16.29 -8.48
CA ILE A 177 9.70 16.95 -8.20
C ILE A 177 9.95 18.00 -7.12
N PRO A 178 9.53 19.24 -7.33
CA PRO A 178 9.89 20.31 -6.38
C PRO A 178 9.32 20.13 -4.98
N GLY A 179 10.20 19.82 -4.03
CA GLY A 179 9.82 19.84 -2.63
C GLY A 179 9.20 18.58 -2.08
N VAL A 180 9.36 17.44 -2.75
CA VAL A 180 8.82 16.19 -2.23
C VAL A 180 9.75 15.65 -1.15
N SER A 181 9.35 14.55 -0.51
CA SER A 181 10.15 13.98 0.58
C SER A 181 11.39 13.24 0.10
N VAL A 182 11.40 12.79 -1.14
CA VAL A 182 12.58 12.13 -1.69
C VAL A 182 13.51 13.19 -2.28
N SER A 183 14.82 12.98 -2.10
CA SER A 183 15.79 13.94 -2.64
C SER A 183 15.71 14.00 -4.16
N SER A 184 15.93 12.88 -4.82
CA SER A 184 15.83 12.79 -6.27
C SER A 184 15.51 11.37 -6.66
N ILE A 185 14.46 11.20 -7.48
CA ILE A 185 14.07 9.89 -7.99
C ILE A 185 14.93 9.55 -9.20
N PRO A 186 15.79 8.55 -9.12
CA PRO A 186 16.62 8.18 -10.27
C PRO A 186 15.79 7.47 -11.33
N ARG A 187 16.44 7.21 -12.47
CA ARG A 187 15.81 6.40 -13.50
C ARG A 187 15.59 4.98 -13.01
N SER A 188 16.48 4.48 -12.14
CA SER A 188 16.38 3.11 -11.65
C SER A 188 15.08 2.88 -10.88
N SER A 189 14.58 3.92 -10.21
CA SER A 189 13.38 3.81 -9.39
C SER A 189 12.09 4.05 -10.16
N ILE A 190 12.17 4.46 -11.41
CA ILE A 190 10.96 4.66 -12.22
C ILE A 190 10.37 3.30 -12.56
N PRO A 191 9.06 3.11 -12.42
CA PRO A 191 8.43 1.85 -12.85
C PRO A 191 8.75 1.55 -14.30
N PRO A 192 9.31 0.38 -14.58
CA PRO A 192 9.83 0.09 -15.92
C PRO A 192 8.80 0.26 -17.02
N PRO A 193 7.55 -0.22 -16.85
CA PRO A 193 6.58 -0.04 -17.95
C PRO A 193 6.28 1.42 -18.27
N LEU A 194 6.63 2.37 -17.38
CA LEU A 194 6.43 3.78 -17.67
C LEU A 194 7.50 4.33 -18.60
N LEU A 195 8.62 3.63 -18.76
CA LEU A 195 9.68 4.02 -19.68
C LEU A 195 9.49 3.44 -21.08
N VAL A 196 8.54 2.53 -21.25
CA VAL A 196 8.25 1.92 -22.55
C VAL A 196 7.04 2.62 -23.14
N PRO A 197 7.08 3.04 -24.41
CA PRO A 197 5.95 3.79 -24.98
C PRO A 197 4.76 2.93 -25.37
N ASN A 198 4.90 1.61 -25.42
CA ASN A 198 3.79 0.74 -25.81
C ASN A 198 3.35 -0.15 -24.65
N SER A 199 3.09 0.46 -23.50
CA SER A 199 2.69 -0.26 -22.30
C SER A 199 1.33 0.24 -21.82
N LEU A 200 0.69 -0.57 -20.97
CA LEU A 200 -0.60 -0.21 -20.42
C LEU A 200 -0.47 0.94 -19.41
N PHE A 201 0.47 0.83 -18.48
CA PHE A 201 0.60 1.86 -17.45
C PHE A 201 1.06 3.18 -18.03
N GLY A 202 1.79 3.16 -19.14
CA GLY A 202 2.12 4.41 -19.80
C GLY A 202 0.89 5.14 -20.31
N LYS A 203 -0.01 4.41 -20.96
CA LYS A 203 -1.27 5.01 -21.40
C LYS A 203 -2.16 5.34 -20.22
N LEU A 204 -2.18 4.48 -19.20
CA LEU A 204 -3.01 4.73 -18.02
C LEU A 204 -2.57 5.97 -17.27
N PHE A 205 -1.26 6.18 -17.14
CA PHE A 205 -0.76 7.37 -16.45
C PHE A 205 -1.13 8.63 -17.21
N MET A 206 -0.92 8.64 -18.53
CA MET A 206 -1.19 9.83 -19.32
C MET A 206 -2.68 10.11 -19.47
N GLU A 207 -3.54 9.13 -19.19
CA GLU A 207 -4.99 9.29 -19.27
C GLU A 207 -5.64 9.56 -17.92
N ASP A 208 -5.13 8.95 -16.85
CA ASP A 208 -5.74 9.13 -15.54
C ASP A 208 -5.24 10.40 -14.86
N SER A 209 -3.95 10.70 -14.97
CA SER A 209 -3.38 11.81 -14.21
C SER A 209 -3.95 13.18 -14.58
N PRO A 210 -4.15 13.53 -15.87
CA PRO A 210 -4.74 14.85 -16.17
C PRO A 210 -6.15 15.05 -15.64
N LYS A 211 -6.80 13.99 -15.15
CA LYS A 211 -8.15 14.09 -14.61
C LYS A 211 -8.17 14.37 -13.11
N LEU A 212 -7.01 14.49 -12.47
CA LEU A 212 -6.97 14.82 -11.05
C LEU A 212 -7.50 16.23 -10.79
N LYS A 213 -7.32 17.15 -11.74
CA LYS A 213 -7.74 18.53 -11.55
C LYS A 213 -9.26 18.63 -11.45
N LYS A 214 -9.98 17.74 -12.13
CA LYS A 214 -11.45 17.70 -12.10
C LYS A 214 -11.99 16.95 -10.90
N LEU A 215 -11.28 17.01 -9.77
CA LEU A 215 -11.68 16.34 -8.55
C LEU A 215 -11.82 17.34 -7.41
N HIS A 216 -12.52 16.93 -6.35
CA HIS A 216 -12.66 17.75 -5.17
C HIS A 216 -11.51 17.57 -4.19
N GLY A 217 -10.87 16.41 -4.21
CA GLY A 217 -9.75 16.15 -3.32
C GLY A 217 -9.25 14.74 -3.50
N VAL A 218 -8.15 14.45 -2.81
CA VAL A 218 -7.49 13.15 -2.87
C VAL A 218 -7.15 12.71 -1.46
N LEU A 219 -7.66 11.56 -1.05
CA LEU A 219 -7.30 10.95 0.22
C LEU A 219 -6.10 10.03 0.02
N VAL A 220 -5.12 10.12 0.92
CA VAL A 220 -3.92 9.30 0.85
C VAL A 220 -3.64 8.75 2.24
N ASN A 221 -3.43 7.43 2.31
CA ASN A 221 -3.09 6.76 3.56
C ASN A 221 -1.65 7.11 3.92
N THR A 222 -1.48 8.30 4.51
CA THR A 222 -0.18 8.75 4.95
C THR A 222 -0.37 9.84 5.99
N PHE A 223 0.69 10.13 6.74
CA PHE A 223 0.66 11.16 7.77
C PHE A 223 1.94 11.97 7.71
N GLU A 224 1.96 13.05 8.50
CA GLU A 224 3.05 14.02 8.45
C GLU A 224 4.39 13.45 8.92
N GLY A 225 4.36 12.37 9.71
CA GLY A 225 5.58 11.85 10.29
C GLY A 225 6.49 11.13 9.32
N ILE A 226 6.03 10.84 8.10
CA ILE A 226 6.85 10.09 7.16
C ILE A 226 6.95 10.83 5.83
N GLU A 227 5.93 11.61 5.49
CA GLU A 227 5.87 12.34 4.23
C GLU A 227 5.43 13.78 4.47
N LYS A 228 6.19 14.50 5.29
CA LYS A 228 5.86 15.89 5.57
C LYS A 228 6.07 16.76 4.34
N LEU A 229 7.21 16.61 3.67
CA LEU A 229 7.51 17.45 2.51
C LEU A 229 6.61 17.12 1.32
N SER A 230 6.25 15.85 1.14
CA SER A 230 5.39 15.48 0.02
C SER A 230 3.96 15.99 0.22
N LEU A 231 3.46 15.95 1.46
CA LEU A 231 2.12 16.46 1.71
C LEU A 231 2.05 17.97 1.51
N GLU A 232 3.08 18.69 1.97
CA GLU A 232 3.10 20.14 1.84
C GLU A 232 3.36 20.60 0.41
N ALA A 233 4.10 19.80 -0.37
CA ALA A 233 4.37 20.17 -1.75
C ALA A 233 3.13 20.01 -2.63
N LEU A 234 2.30 19.00 -2.34
CA LEU A 234 1.09 18.80 -3.12
C LEU A 234 0.06 19.90 -2.85
N ASN A 235 -0.16 20.22 -1.58
CA ASN A 235 -1.10 21.29 -1.25
C ASN A 235 -0.54 22.66 -1.60
N GLY A 236 0.78 22.81 -1.62
CA GLY A 236 1.40 24.09 -1.95
C GLY A 236 1.41 24.43 -3.42
N GLY A 237 0.97 23.51 -4.27
CA GLY A 237 0.90 23.77 -5.70
C GLY A 237 2.23 23.77 -6.43
N LYS A 238 3.26 23.16 -5.85
CA LYS A 238 4.58 23.13 -6.47
C LYS A 238 4.89 21.81 -7.15
N VAL A 239 3.96 20.85 -7.12
CA VAL A 239 4.16 19.58 -7.83
C VAL A 239 3.72 19.75 -9.27
N VAL A 240 2.40 19.92 -9.49
CA VAL A 240 1.86 20.29 -10.79
C VAL A 240 0.75 21.30 -10.57
N LYS A 241 0.51 22.13 -11.59
CA LYS A 241 -0.44 23.22 -11.46
C LYS A 241 -1.86 22.70 -11.57
N GLY A 242 -2.71 23.08 -10.60
CA GLY A 242 -4.11 22.75 -10.64
C GLY A 242 -4.51 21.51 -9.87
N LEU A 243 -3.79 21.19 -8.81
CA LEU A 243 -4.20 19.99 -8.09
C LEU A 243 -5.25 20.32 -7.04
N PRO A 244 -6.17 19.40 -6.79
CA PRO A 244 -7.11 19.57 -5.68
C PRO A 244 -6.40 19.33 -4.35
N PRO A 245 -7.03 19.70 -3.23
CA PRO A 245 -6.37 19.48 -1.93
C PRO A 245 -6.27 18.01 -1.60
N VAL A 246 -5.09 17.57 -1.20
CA VAL A 246 -4.85 16.20 -0.77
C VAL A 246 -4.94 16.14 0.74
N TYR A 247 -5.48 15.03 1.26
CA TYR A 247 -5.76 14.88 2.68
C TYR A 247 -5.03 13.66 3.22
N GLY A 248 -4.09 13.88 4.13
CA GLY A 248 -3.39 12.79 4.77
C GLY A 248 -4.20 12.18 5.90
N VAL A 249 -5.05 11.21 5.55
CA VAL A 249 -5.96 10.59 6.51
C VAL A 249 -5.29 9.39 7.15
N GLY A 250 -4.00 9.21 6.90
CA GLY A 250 -3.25 8.14 7.50
C GLY A 250 -2.81 8.49 8.89
N PRO A 251 -2.39 7.46 9.65
CA PRO A 251 -2.31 6.07 9.21
C PRO A 251 -3.63 5.31 9.34
N PHE A 252 -3.87 4.41 8.40
CA PHE A 252 -5.03 3.51 8.47
C PHE A 252 -4.67 2.37 9.41
N VAL A 253 -4.99 2.55 10.69
CA VAL A 253 -4.58 1.56 11.70
C VAL A 253 -5.34 0.25 11.44
N PRO A 254 -4.74 -0.91 11.72
CA PRO A 254 -5.46 -2.17 11.49
C PRO A 254 -6.64 -2.32 12.42
N CYS A 255 -7.73 -2.87 11.89
CA CYS A 255 -8.96 -3.05 12.65
C CYS A 255 -9.11 -4.50 13.10
N GLU A 256 -10.15 -4.74 13.91
CA GLU A 256 -10.37 -6.07 14.46
C GLU A 256 -11.13 -6.98 13.51
N PHE A 257 -11.92 -6.42 12.59
CA PHE A 257 -12.64 -7.27 11.64
C PHE A 257 -11.71 -7.94 10.65
N GLU A 258 -10.45 -7.50 10.56
CA GLU A 258 -9.49 -8.14 9.66
C GLU A 258 -8.94 -9.44 10.24
N LYS A 259 -9.12 -9.68 11.53
CA LYS A 259 -8.59 -10.86 12.20
C LYS A 259 -9.57 -12.03 12.05
N VAL A 260 -9.09 -13.13 11.49
CA VAL A 260 -9.92 -14.31 11.31
C VAL A 260 -9.71 -15.31 12.44
N GLU A 265 -3.99 -20.72 15.85
CA GLU A 265 -3.17 -19.70 16.49
C GLU A 265 -1.78 -20.23 16.84
N THR A 266 -1.23 -21.05 15.94
CA THR A 266 0.09 -21.64 16.19
C THR A 266 1.20 -20.61 16.00
N ILE A 267 0.98 -19.60 15.16
CA ILE A 267 2.03 -18.62 14.88
C ILE A 267 2.26 -17.73 16.09
N SER A 268 1.18 -17.27 16.73
CA SER A 268 1.33 -16.39 17.88
C SER A 268 1.97 -17.11 19.05
N GLU A 269 1.76 -18.43 19.18
CA GLU A 269 2.37 -19.17 20.27
C GLU A 269 3.87 -19.39 20.06
N TRP A 270 4.35 -19.34 18.82
CA TRP A 270 5.78 -19.44 18.58
C TRP A 270 6.47 -18.10 18.81
N LEU A 271 5.83 -17.00 18.43
CA LEU A 271 6.43 -15.68 18.63
C LEU A 271 6.48 -15.31 20.10
N ASP A 272 5.52 -15.79 20.90
CA ASP A 272 5.51 -15.44 22.32
C ASP A 272 6.75 -15.92 23.03
N GLU A 273 7.21 -17.12 22.70
CA GLU A 273 8.41 -17.69 23.32
C GLU A 273 9.68 -17.32 22.55
N GLN A 274 9.82 -16.03 22.25
CA GLN A 274 10.99 -15.53 21.54
C GLN A 274 11.41 -14.21 22.17
N PRO A 275 12.73 -13.94 22.25
CA PRO A 275 13.18 -12.65 22.77
C PRO A 275 12.63 -11.51 21.93
N SER A 276 12.25 -10.43 22.61
CA SER A 276 11.58 -9.32 21.94
C SER A 276 12.53 -8.63 20.96
N GLY A 277 11.97 -8.17 19.85
CA GLY A 277 12.76 -7.51 18.83
C GLY A 277 13.79 -8.39 18.16
N SER A 278 13.58 -9.71 18.15
CA SER A 278 14.53 -10.65 17.59
C SER A 278 14.03 -11.38 16.35
N VAL A 279 12.73 -11.32 16.05
CA VAL A 279 12.15 -12.03 14.92
C VAL A 279 12.19 -11.14 13.69
N VAL A 280 12.53 -11.72 12.55
CA VAL A 280 12.56 -11.02 11.26
C VAL A 280 11.33 -11.44 10.48
N TYR A 281 10.38 -10.51 10.30
CA TYR A 281 9.19 -10.79 9.51
C TYR A 281 9.50 -10.57 8.03
N VAL A 282 9.12 -11.53 7.20
CA VAL A 282 9.41 -11.51 5.78
C VAL A 282 8.10 -11.73 5.02
N SER A 283 7.73 -10.76 4.18
CA SER A 283 6.54 -10.85 3.37
C SER A 283 6.68 -9.90 2.18
N PHE A 284 6.21 -10.34 1.02
CA PHE A 284 6.29 -9.56 -0.21
C PHE A 284 4.91 -9.19 -0.75
N GLY A 285 3.91 -9.14 0.11
CA GLY A 285 2.59 -8.68 -0.32
C GLY A 285 1.57 -9.79 -0.48
N SER A 286 0.64 -9.60 -1.42
CA SER A 286 -0.45 -10.54 -1.63
C SER A 286 -0.22 -11.46 -2.82
N ARG A 287 0.69 -11.13 -3.72
CA ARG A 287 0.96 -11.94 -4.90
C ARG A 287 2.24 -12.76 -4.76
N THR A 288 3.36 -12.10 -4.49
CA THR A 288 4.69 -12.73 -4.44
C THR A 288 4.93 -13.57 -5.69
N ALA A 289 5.23 -12.92 -6.80
CA ALA A 289 5.42 -13.58 -8.10
C ALA A 289 6.89 -13.83 -8.39
N MET A 290 7.67 -14.23 -7.40
CA MET A 290 9.09 -14.50 -7.58
C MET A 290 9.29 -15.83 -8.30
N GLY A 291 10.56 -16.15 -8.60
CA GLY A 291 10.91 -17.38 -9.25
C GLY A 291 11.53 -18.38 -8.28
N ARG A 292 11.60 -19.63 -8.76
CA ARG A 292 12.21 -20.69 -7.95
C ARG A 292 13.69 -20.45 -7.72
N GLU A 293 14.34 -19.74 -8.65
CA GLU A 293 15.77 -19.46 -8.49
C GLU A 293 16.03 -18.53 -7.32
N GLN A 294 15.25 -17.46 -7.20
CA GLN A 294 15.47 -16.48 -6.15
C GLN A 294 14.98 -16.97 -4.79
N LEU A 295 13.97 -17.84 -4.77
CA LEU A 295 13.42 -18.31 -3.50
C LEU A 295 14.43 -19.15 -2.72
N ARG A 296 15.25 -19.93 -3.43
CA ARG A 296 16.28 -20.71 -2.75
C ARG A 296 17.28 -19.82 -2.02
N GLU A 297 17.64 -18.69 -2.64
CA GLU A 297 18.60 -17.79 -2.01
C GLU A 297 18.00 -17.05 -0.83
N VAL A 298 16.69 -16.77 -0.86
CA VAL A 298 16.05 -16.09 0.26
C VAL A 298 16.13 -16.94 1.51
N GLY A 299 15.60 -18.17 1.45
CA GLY A 299 15.69 -19.07 2.58
C GLY A 299 17.11 -19.39 2.97
N ASP A 300 18.02 -19.45 2.00
CA ASP A 300 19.43 -19.62 2.31
C ASP A 300 19.98 -18.38 3.01
N GLY A 301 19.56 -17.18 2.57
CA GLY A 301 20.00 -15.97 3.22
C GLY A 301 19.42 -15.80 4.62
N LEU A 302 18.22 -16.34 4.85
CA LEU A 302 17.61 -16.25 6.17
C LEU A 302 18.42 -17.01 7.21
N VAL A 303 18.96 -18.18 6.83
CA VAL A 303 19.72 -18.98 7.78
C VAL A 303 21.16 -18.51 7.89
N LYS A 304 21.68 -17.82 6.87
CA LYS A 304 23.03 -17.28 6.93
C LYS A 304 23.10 -15.98 7.73
N SER A 305 21.97 -15.35 8.02
CA SER A 305 21.99 -14.15 8.84
C SER A 305 22.14 -14.46 10.33
N GLY A 306 21.60 -15.59 10.77
CA GLY A 306 21.68 -15.97 12.17
C GLY A 306 20.54 -15.49 13.04
N TRP A 307 19.52 -14.88 12.46
CA TRP A 307 18.38 -14.35 13.20
C TRP A 307 17.16 -15.21 12.97
N ARG A 308 16.33 -15.33 14.00
CA ARG A 308 15.08 -16.07 13.86
C ARG A 308 14.10 -15.30 13.00
N PHE A 309 13.41 -16.01 12.11
CA PHE A 309 12.62 -15.39 11.06
C PHE A 309 11.25 -16.03 10.96
N LEU A 310 10.31 -15.26 10.39
CA LEU A 310 8.96 -15.71 10.09
C LEU A 310 8.70 -15.40 8.63
N TRP A 311 8.83 -16.40 7.76
CA TRP A 311 8.69 -16.21 6.33
C TRP A 311 7.25 -16.51 5.91
N VAL A 312 6.67 -15.63 5.10
CA VAL A 312 5.33 -15.83 4.56
C VAL A 312 5.43 -15.82 3.04
N VAL A 313 5.04 -16.93 2.43
CA VAL A 313 5.16 -17.10 0.98
C VAL A 313 3.79 -17.39 0.40
N LYS A 314 3.61 -16.99 -0.86
CA LYS A 314 2.39 -17.27 -1.61
C LYS A 314 2.78 -18.03 -2.87
N ASP A 315 2.20 -19.22 -3.07
CA ASP A 315 2.57 -20.05 -4.21
C ASP A 315 2.01 -19.48 -5.51
N LYS A 316 0.70 -19.22 -5.55
CA LYS A 316 0.06 -18.65 -6.73
C LYS A 316 0.47 -17.20 -6.95
N ASP A 327 6.75 -27.80 -5.25
CA ASP A 327 6.94 -27.16 -3.96
C ASP A 327 8.32 -27.48 -3.39
N GLY A 328 9.00 -28.45 -3.98
CA GLY A 328 10.34 -28.83 -3.55
C GLY A 328 11.38 -27.81 -3.95
N VAL A 329 11.55 -26.78 -3.13
CA VAL A 329 12.45 -25.68 -3.44
C VAL A 329 13.47 -25.51 -2.32
N LEU A 330 13.06 -25.79 -1.08
CA LEU A 330 13.93 -25.61 0.07
C LEU A 330 14.97 -26.72 0.15
N GLY A 331 16.20 -26.33 0.46
CA GLY A 331 17.29 -27.30 0.54
C GLY A 331 17.27 -28.07 1.85
N PHE A 332 17.62 -29.36 1.77
CA PHE A 332 17.66 -30.20 2.96
C PHE A 332 18.67 -29.70 3.98
N GLU A 333 19.77 -29.10 3.51
CA GLU A 333 20.73 -28.48 4.41
C GLU A 333 20.15 -27.24 5.09
N LEU A 334 19.15 -26.59 4.48
CA LEU A 334 18.53 -25.43 5.09
C LEU A 334 17.29 -25.80 5.90
N VAL A 335 16.53 -26.80 5.45
CA VAL A 335 15.36 -27.25 6.21
C VAL A 335 15.80 -27.81 7.56
N GLU A 336 16.92 -28.53 7.58
CA GLU A 336 17.43 -29.05 8.84
C GLU A 336 17.84 -27.93 9.77
N ARG A 337 18.59 -26.95 9.25
CA ARG A 337 19.05 -25.85 10.10
C ARG A 337 17.88 -24.99 10.58
N MET A 338 16.81 -24.88 9.80
CA MET A 338 15.63 -24.18 10.27
C MET A 338 15.01 -24.88 11.46
N VAL A 339 15.06 -26.21 11.49
CA VAL A 339 14.49 -26.96 12.61
C VAL A 339 15.53 -27.26 13.69
N LYS A 340 16.79 -27.43 13.31
CA LYS A 340 17.83 -27.74 14.29
C LYS A 340 18.17 -26.53 15.14
N GLU A 341 18.21 -25.34 14.54
CA GLU A 341 18.57 -24.13 15.27
C GLU A 341 17.40 -23.49 16.01
N LYS A 342 16.17 -23.98 15.79
CA LYS A 342 14.98 -23.46 16.45
C LYS A 342 14.81 -21.96 16.19
N LYS A 343 14.73 -21.61 14.91
CA LYS A 343 14.76 -20.19 14.56
C LYS A 343 13.70 -19.83 13.52
N GLY A 344 13.37 -20.74 12.63
CA GLY A 344 12.62 -20.42 11.43
C GLY A 344 11.17 -20.85 11.44
N LEU A 345 10.32 -20.01 10.84
CA LEU A 345 8.93 -20.33 10.54
C LEU A 345 8.65 -19.99 9.09
N VAL A 346 8.05 -20.93 8.36
CA VAL A 346 7.62 -20.73 6.98
C VAL A 346 6.16 -21.15 6.87
N VAL A 347 5.34 -20.27 6.31
CA VAL A 347 3.90 -20.50 6.21
C VAL A 347 3.42 -20.22 4.79
N LYS A 348 2.39 -20.94 4.38
CA LYS A 348 1.72 -20.72 3.09
C LYS A 348 0.25 -20.48 3.36
N GLU A 349 -0.05 -19.33 3.98
CA GLU A 349 -1.40 -19.02 4.40
C GLU A 349 -1.53 -17.52 4.59
N TRP A 350 -2.76 -17.02 4.47
CA TRP A 350 -3.04 -15.63 4.74
C TRP A 350 -2.92 -15.35 6.23
N VAL A 351 -1.74 -14.91 6.67
CA VAL A 351 -1.48 -14.64 8.08
C VAL A 351 -2.02 -13.26 8.43
N ASP A 352 -2.13 -12.98 9.73
CA ASP A 352 -2.51 -11.64 10.20
C ASP A 352 -1.23 -10.84 10.37
N GLN A 353 -0.90 -10.03 9.36
CA GLN A 353 0.33 -9.26 9.39
C GLN A 353 0.33 -8.24 10.52
N SER A 354 -0.85 -7.75 10.91
CA SER A 354 -0.93 -6.75 11.96
C SER A 354 -0.54 -7.33 13.32
N GLU A 355 -0.98 -8.56 13.60
CA GLU A 355 -0.56 -9.21 14.84
C GLU A 355 0.95 -9.47 14.84
N ILE A 356 1.49 -9.94 13.72
CA ILE A 356 2.91 -10.28 13.67
C ILE A 356 3.76 -9.01 13.79
N LEU A 357 3.38 -7.94 13.09
CA LEU A 357 4.08 -6.67 13.26
C LEU A 357 3.85 -6.11 14.66
N GLY A 358 2.68 -6.40 15.26
CA GLY A 358 2.40 -5.93 16.60
C GLY A 358 3.06 -6.74 17.70
N HIS A 359 3.53 -7.95 17.38
CA HIS A 359 4.17 -8.77 18.39
C HIS A 359 5.54 -8.21 18.75
N LYS A 360 5.83 -8.16 20.06
CA LYS A 360 7.09 -7.57 20.51
C LYS A 360 8.30 -8.39 20.07
N ALA A 361 8.11 -9.65 19.69
CA ALA A 361 9.23 -10.47 19.23
C ALA A 361 9.74 -10.01 17.87
N VAL A 362 8.86 -9.47 17.04
CA VAL A 362 9.25 -9.02 15.71
C VAL A 362 9.90 -7.64 15.82
N GLY A 363 11.15 -7.54 15.39
CA GLY A 363 11.88 -6.28 15.43
C GLY A 363 12.27 -5.78 14.05
N GLY A 364 12.12 -6.62 13.03
CA GLY A 364 12.46 -6.26 11.67
C GLY A 364 11.37 -6.66 10.71
N PHE A 365 11.45 -6.11 9.50
CA PHE A 365 10.45 -6.35 8.46
C PHE A 365 11.16 -6.34 7.12
N VAL A 366 11.25 -7.52 6.50
CA VAL A 366 11.70 -7.61 5.11
C VAL A 366 10.45 -7.48 4.25
N SER A 367 10.32 -6.34 3.57
CA SER A 367 9.10 -5.99 2.87
C SER A 367 9.40 -5.61 1.43
N HIS A 368 8.45 -5.92 0.55
CA HIS A 368 8.45 -5.36 -0.80
C HIS A 368 8.11 -3.87 -0.80
N CYS A 369 7.76 -3.31 0.37
CA CYS A 369 7.45 -1.89 0.54
C CYS A 369 6.15 -1.51 -0.16
N GLY A 370 5.20 -2.42 -0.22
CA GLY A 370 3.84 -2.01 -0.51
C GLY A 370 3.34 -1.05 0.55
N TRP A 371 2.70 0.04 0.11
CA TRP A 371 2.40 1.13 1.04
C TRP A 371 1.50 0.67 2.18
N ASN A 372 0.65 -0.33 1.96
CA ASN A 372 -0.13 -0.88 3.06
C ASN A 372 0.77 -1.52 4.11
N SER A 373 1.77 -2.28 3.67
CA SER A 373 2.73 -2.86 4.61
C SER A 373 3.58 -1.78 5.26
N VAL A 374 3.90 -0.72 4.53
CA VAL A 374 4.75 0.33 5.07
C VAL A 374 4.04 1.08 6.20
N VAL A 375 2.80 1.51 5.95
CA VAL A 375 2.04 2.24 6.96
C VAL A 375 1.81 1.38 8.19
N GLU A 376 1.51 0.09 7.97
CA GLU A 376 1.36 -0.82 9.10
C GLU A 376 2.67 -0.95 9.87
N ALA A 377 3.79 -1.07 9.16
CA ALA A 377 5.08 -1.17 9.84
C ALA A 377 5.40 0.10 10.62
N ALA A 378 4.99 1.25 10.08
CA ALA A 378 5.19 2.50 10.80
C ALA A 378 4.33 2.55 12.06
N TRP A 379 3.09 2.05 11.97
CA TRP A 379 2.21 2.07 13.13
C TRP A 379 2.76 1.24 14.28
N PHE A 380 3.44 0.14 13.99
CA PHE A 380 4.00 -0.73 15.01
C PHE A 380 5.46 -0.44 15.30
N GLY A 381 6.06 0.54 14.64
CA GLY A 381 7.44 0.90 14.89
C GLY A 381 8.46 -0.18 14.57
N VAL A 382 8.22 -0.97 13.53
CA VAL A 382 9.12 -2.06 13.14
C VAL A 382 9.93 -1.59 11.94
N LYS A 383 11.25 -1.53 12.11
CA LYS A 383 12.13 -1.07 11.04
C LYS A 383 12.05 -2.01 9.83
N ILE A 384 12.13 -1.42 8.64
CA ILE A 384 11.87 -2.13 7.39
C ILE A 384 13.19 -2.38 6.66
N LEU A 385 13.37 -3.60 6.18
CA LEU A 385 14.40 -3.93 5.20
C LEU A 385 13.72 -3.93 3.84
N GLY A 386 14.13 -3.00 2.98
CA GLY A 386 13.46 -2.82 1.71
C GLY A 386 13.94 -3.73 0.60
N TRP A 387 13.02 -4.50 0.03
CA TRP A 387 13.29 -5.33 -1.15
C TRP A 387 12.19 -5.06 -2.17
N PRO A 388 12.26 -3.94 -2.88
CA PRO A 388 11.21 -3.60 -3.85
C PRO A 388 11.24 -4.53 -5.06
N LEU A 389 10.05 -4.79 -5.59
CA LEU A 389 9.88 -5.78 -6.66
C LEU A 389 9.32 -5.18 -7.94
N HIS A 390 8.18 -4.50 -7.91
N HIS A 390 8.19 -4.49 -7.90
CA HIS A 390 7.56 -3.98 -9.12
CA HIS A 390 7.58 -3.96 -9.11
C HIS A 390 6.90 -2.64 -8.81
C HIS A 390 6.92 -2.63 -8.81
N GLY A 391 6.74 -1.84 -9.86
CA GLY A 391 5.92 -0.64 -9.76
C GLY A 391 6.50 0.43 -8.85
N ASP A 392 5.65 0.92 -7.94
CA ASP A 392 5.96 2.04 -7.05
C ASP A 392 6.75 1.64 -5.82
N GLN A 393 7.29 0.41 -5.78
CA GLN A 393 7.93 -0.08 -4.56
C GLN A 393 9.35 0.46 -4.37
N LYS A 394 10.02 0.88 -5.44
CA LYS A 394 11.33 1.51 -5.26
C LYS A 394 11.18 2.93 -4.71
N ILE A 395 10.15 3.64 -5.15
CA ILE A 395 9.90 4.99 -4.62
C ILE A 395 9.42 4.91 -3.18
N ASN A 396 8.51 3.99 -2.89
CA ASN A 396 8.05 3.80 -1.51
C ASN A 396 9.20 3.39 -0.59
N ALA A 397 10.17 2.64 -1.11
CA ALA A 397 11.29 2.24 -0.27
C ALA A 397 12.19 3.42 0.07
N GLU A 398 12.32 4.39 -0.84
CA GLU A 398 13.15 5.56 -0.55
C GLU A 398 12.47 6.50 0.44
N VAL A 399 11.13 6.48 0.49
CA VAL A 399 10.40 7.31 1.44
C VAL A 399 10.77 6.92 2.87
N VAL A 400 10.79 5.62 3.16
CA VAL A 400 11.17 5.17 4.48
C VAL A 400 12.67 5.27 4.69
N ALA A 401 13.44 5.24 3.61
CA ALA A 401 14.89 5.37 3.75
C ALA A 401 15.27 6.78 4.17
N LYS A 402 14.65 7.79 3.55
CA LYS A 402 14.89 9.16 3.96
C LYS A 402 14.43 9.42 5.39
N GLY A 403 13.37 8.74 5.83
CA GLY A 403 12.87 8.92 7.18
C GLY A 403 13.81 8.42 8.25
N GLY A 404 14.82 7.65 7.90
CA GLY A 404 15.78 7.14 8.85
C GLY A 404 15.39 5.87 9.56
N TRP A 405 14.31 5.20 9.11
CA TRP A 405 13.82 3.98 9.74
C TRP A 405 13.71 2.83 8.75
N GLY A 406 14.46 2.89 7.66
CA GLY A 406 14.41 1.84 6.65
C GLY A 406 15.66 1.89 5.79
N VAL A 407 16.07 0.71 5.32
CA VAL A 407 17.28 0.58 4.51
C VAL A 407 16.97 -0.37 3.35
N TRP A 408 17.30 0.05 2.13
CA TRP A 408 17.12 -0.79 0.95
C TRP A 408 18.34 -0.65 0.05
N LYS A 409 18.55 -1.67 -0.78
CA LYS A 409 19.71 -1.72 -1.66
C LYS A 409 19.27 -1.40 -3.08
N GLU A 410 19.81 -0.32 -3.65
CA GLU A 410 19.50 0.02 -5.04
C GLU A 410 20.00 -1.05 -6.00
N GLY A 411 21.09 -1.74 -5.65
CA GLY A 411 21.69 -2.71 -6.53
C GLY A 411 20.91 -3.98 -6.72
N TRP A 412 19.91 -4.24 -5.87
CA TRP A 412 19.13 -5.45 -6.03
C TRP A 412 18.17 -5.38 -7.22
N ASP A 413 17.80 -4.18 -7.64
CA ASP A 413 17.03 -3.94 -8.85
C ASP A 413 15.65 -4.57 -8.78
N TRP A 414 14.91 -4.51 -9.90
CA TRP A 414 13.56 -5.07 -9.95
C TRP A 414 13.62 -6.59 -9.97
N GLU A 415 12.46 -7.21 -9.72
CA GLU A 415 12.38 -8.66 -9.71
C GLU A 415 12.65 -9.23 -11.09
N GLY A 416 13.44 -10.30 -11.14
CA GLY A 416 13.77 -10.96 -12.39
C GLY A 416 14.91 -10.35 -13.16
N GLU A 417 15.43 -9.20 -12.73
CA GLU A 417 16.54 -8.59 -13.44
C GLU A 417 17.84 -9.33 -13.18
N ARG A 418 18.04 -9.81 -11.96
CA ARG A 418 19.20 -10.62 -11.63
C ARG A 418 18.86 -11.48 -10.42
N LEU A 419 19.85 -12.24 -9.95
CA LEU A 419 19.67 -13.15 -8.82
C LEU A 419 20.46 -12.62 -7.63
N VAL A 420 19.77 -12.34 -6.54
CA VAL A 420 20.43 -11.90 -5.31
C VAL A 420 20.88 -13.14 -4.55
N LYS A 421 22.17 -13.21 -4.23
CA LYS A 421 22.70 -14.34 -3.49
C LYS A 421 22.25 -14.29 -2.04
N GLY A 422 22.29 -15.46 -1.40
CA GLY A 422 21.90 -15.53 0.01
C GLY A 422 22.84 -14.76 0.92
N GLU A 423 24.10 -14.63 0.52
CA GLU A 423 25.05 -13.88 1.35
C GLU A 423 24.68 -12.41 1.41
N GLU A 424 24.23 -11.84 0.30
CA GLU A 424 23.76 -10.45 0.29
C GLU A 424 22.52 -10.31 1.17
N ILE A 425 21.64 -11.30 1.15
CA ILE A 425 20.43 -11.26 1.97
C ILE A 425 20.80 -11.44 3.44
N GLY A 426 21.73 -12.35 3.73
CA GLY A 426 22.17 -12.52 5.11
C GLY A 426 22.91 -11.31 5.65
N GLU A 427 23.62 -10.59 4.78
CA GLU A 427 24.33 -9.40 5.21
C GLU A 427 23.38 -8.23 5.42
N ALA A 428 22.41 -8.04 4.52
CA ALA A 428 21.44 -6.96 4.67
C ALA A 428 20.64 -7.13 5.96
N ILE A 429 20.23 -8.37 6.27
CA ILE A 429 19.51 -8.63 7.51
C ILE A 429 20.41 -8.36 8.72
N ARG A 430 21.67 -8.79 8.64
CA ARG A 430 22.61 -8.50 9.71
C ARG A 430 22.84 -7.00 9.85
N GLU A 431 22.93 -6.28 8.72
CA GLU A 431 23.14 -4.84 8.78
C GLU A 431 21.95 -4.12 9.42
N VAL A 432 20.73 -4.51 9.05
CA VAL A 432 19.56 -3.81 9.55
C VAL A 432 19.28 -4.17 11.00
N MET A 433 19.42 -5.45 11.34
CA MET A 433 19.08 -5.89 12.71
C MET A 433 20.09 -5.36 13.72
N ASN A 434 21.37 -5.30 13.35
CA ASN A 434 22.37 -4.73 14.24
C ASN A 434 22.24 -3.22 14.36
N ASP A 435 21.53 -2.59 13.42
CA ASP A 435 21.43 -1.13 13.37
C ASP A 435 20.36 -0.68 14.35
N GLU A 436 20.80 -0.22 15.53
CA GLU A 436 19.87 0.29 16.53
C GLU A 436 19.39 1.71 16.23
N SER A 437 20.05 2.41 15.30
CA SER A 437 19.61 3.75 14.94
C SER A 437 18.25 3.72 14.25
N LEU A 438 17.95 2.63 13.55
CA LEU A 438 16.66 2.54 12.86
C LEU A 438 15.50 2.45 13.85
N VAL A 439 15.65 1.66 14.92
CA VAL A 439 14.57 1.52 15.88
C VAL A 439 14.33 2.83 16.62
N MET A 440 15.37 3.66 16.77
CA MET A 440 15.18 4.98 17.35
C MET A 440 14.28 5.84 16.46
N LYS A 441 14.58 5.89 15.16
CA LYS A 441 13.71 6.61 14.24
C LYS A 441 12.38 5.90 14.08
N ALA A 442 12.39 4.57 14.06
CA ALA A 442 11.15 3.81 13.98
C ALA A 442 10.26 4.09 15.17
N THR A 443 10.85 4.30 16.35
CA THR A 443 10.06 4.66 17.53
C THR A 443 9.44 6.04 17.37
N GLN A 444 10.22 7.01 16.87
CA GLN A 444 9.68 8.35 16.65
C GLN A 444 8.60 8.33 15.57
N VAL A 445 8.77 7.48 14.55
CA VAL A 445 7.72 7.33 13.54
C VAL A 445 6.48 6.69 14.15
N LYS A 446 6.66 5.78 15.11
CA LYS A 446 5.51 5.23 15.83
C LYS A 446 4.82 6.29 16.66
N LYS A 447 5.59 7.16 17.32
CA LYS A 447 4.99 8.23 18.11
C LYS A 447 4.20 9.18 17.22
N ASP A 448 4.78 9.60 16.10
CA ASP A 448 4.05 10.48 15.19
C ASP A 448 2.84 9.79 14.59
N ALA A 449 2.91 8.46 14.41
CA ALA A 449 1.76 7.73 13.91
C ALA A 449 0.63 7.70 14.93
N ARG A 450 0.95 7.40 16.19
CA ARG A 450 -0.06 7.43 17.24
C ARG A 450 -0.56 8.84 17.51
N LYS A 451 0.23 9.85 17.20
CA LYS A 451 -0.19 11.24 17.34
C LYS A 451 -1.00 11.74 16.15
N ALA A 452 -0.98 11.02 15.03
CA ALA A 452 -1.67 11.43 13.82
C ALA A 452 -3.07 10.84 13.71
N ILE A 453 -3.65 10.37 14.80
CA ILE A 453 -4.96 9.72 14.75
C ILE A 453 -5.88 10.29 15.82
N SER A 454 -5.31 11.00 16.79
CA SER A 454 -6.09 11.46 17.94
C SER A 454 -6.27 12.96 17.97
N VAL A 455 -6.01 13.57 19.15
CA VAL A 455 -6.38 14.96 19.39
C VAL A 455 -5.70 15.88 18.37
N GLY A 456 -4.39 15.76 18.23
CA GLY A 456 -3.72 16.47 17.17
C GLY A 456 -4.21 15.92 15.84
N GLY A 457 -3.70 14.75 15.48
CA GLY A 457 -4.22 13.94 14.40
C GLY A 457 -4.53 14.63 13.09
N GLY A 458 -3.57 14.66 12.18
CA GLY A 458 -3.86 15.11 10.83
C GLY A 458 -5.00 14.35 10.20
N CYS A 459 -5.20 13.09 10.62
CA CYS A 459 -6.36 12.33 10.18
C CYS A 459 -7.65 12.94 10.74
N GLU A 460 -7.67 13.25 12.04
CA GLU A 460 -8.85 13.87 12.64
C GLU A 460 -9.10 15.25 12.03
N VAL A 461 -8.04 15.99 11.77
CA VAL A 461 -8.21 17.31 11.14
C VAL A 461 -8.75 17.16 9.73
N ALA A 462 -8.18 16.24 8.94
CA ALA A 462 -8.62 16.07 7.57
C ALA A 462 -10.05 15.55 7.50
N LEU A 463 -10.36 14.53 8.31
CA LEU A 463 -11.69 13.94 8.25
C LEU A 463 -12.76 14.95 8.63
N GLN A 464 -12.58 15.64 9.75
CA GLN A 464 -13.57 16.64 10.16
C GLN A 464 -13.66 17.79 9.16
N LYS A 465 -12.54 18.15 8.53
CA LYS A 465 -12.59 19.17 7.49
C LYS A 465 -13.40 18.70 6.29
N LEU A 466 -13.44 17.40 6.04
CA LEU A 466 -14.30 16.86 4.99
C LEU A 466 -15.76 16.80 5.40
N MET A 467 -16.02 16.61 6.70
CA MET A 467 -17.41 16.51 7.16
C MET A 467 -18.15 17.84 6.95
N GLU A 468 -17.51 18.96 7.27
CA GLU A 468 -18.15 20.26 7.10
C GLU A 468 -18.36 20.59 5.63
N VAL A 469 -17.45 20.17 4.75
CA VAL A 469 -17.65 20.37 3.32
C VAL A 469 -18.83 19.54 2.82
N TRP A 470 -19.04 18.36 3.41
CA TRP A 470 -20.10 17.46 3.00
C TRP A 470 -21.46 17.82 3.61
N LYS A 471 -21.61 19.04 4.13
CA LYS A 471 -22.86 19.47 4.71
C LYS A 471 -23.75 20.15 3.67
#